data_1CQ7
#
_entry.id   1CQ7
#
_cell.length_a   157.58
_cell.length_b   85.59
_cell.length_c   78.92
_cell.angle_alpha   90
_cell.angle_beta   90
_cell.angle_gamma   90
#
_symmetry.space_group_name_H-M   'C 2 2 21'
#
loop_
_entity.id
_entity.type
_entity.pdbx_description
1 polymer 'ASPARTATE AMINOTRANSFERASE'
2 non-polymer '2-[O-PHOSPHONOPYRIDOXYL]-AMINO-PENTANOIC ACID'
3 water water
#
_entity_poly.entity_id   1
_entity_poly.type   'polypeptide(L)'
_entity_poly.pdbx_seq_one_letter_code
;MFENITAAPADPILGLADLFRADERPGKINLGIGVYKDETGKTPVLTSVKKAEQYLLENETTKNYLGIDGIPEFGRCTQE
LLFGKGSALINDKRARTAQTPGGTGALRVAADFLAKNTSVKRVWVSNPSWPNHKSVFNSAGLEVREYAYYDAENHTLDFD
ALINSLNEAQAGDVVLFHGCCHNPTGIDPTLEQWQTLAQLSVEKGWLPLFDFAYQGFARGLEEDAEGLRAFAAMHKELIV
ASSYSKNFGLYNERVGACTLVAADSETVDRAFSQMKAAIRANYSNPPAHGASVVATILSNDALRAIWEQELTDMRQRIQR
MRQLFVNTLQEKGANRDFSFIIKQNGMFSFSGLTKEQVLRLREEFGVYAVASGRVNVAGMTPDNMAPLCEAIVAVL
;
_entity_poly.pdbx_strand_id   A
#
loop_
_chem_comp.id
_chem_comp.type
_chem_comp.name
_chem_comp.formula
PY5 non-polymer '2-[O-PHOSPHONOPYRIDOXYL]-AMINO-PENTANOIC ACID' 'C13 H21 N2 O7 P'
#
# COMPACT_ATOMS: atom_id res chain seq x y z
N MET A 1 -27.55 25.83 -5.64
CA MET A 1 -26.47 25.10 -6.36
C MET A 1 -26.41 23.65 -5.91
N PHE A 2 -26.69 23.41 -4.63
CA PHE A 2 -26.60 22.06 -4.08
C PHE A 2 -27.89 21.23 -3.96
N GLU A 3 -29.03 21.81 -4.35
CA GLU A 3 -30.32 21.11 -4.26
C GLU A 3 -30.43 19.81 -5.05
N ASN A 4 -29.61 19.65 -6.09
CA ASN A 4 -29.66 18.43 -6.90
C ASN A 4 -28.49 17.49 -6.67
N ILE A 5 -27.56 17.88 -5.79
CA ILE A 5 -26.41 17.02 -5.53
C ILE A 5 -26.90 15.70 -4.92
N THR A 6 -26.53 14.61 -5.58
CA THR A 6 -26.91 13.28 -5.16
C THR A 6 -25.89 12.77 -4.14
N ALA A 7 -26.37 12.08 -3.12
CA ALA A 7 -25.52 11.53 -2.07
C ALA A 7 -24.57 10.48 -2.65
N ALA A 8 -23.30 10.64 -2.38
CA ALA A 8 -22.29 9.72 -2.89
C ALA A 8 -22.35 8.39 -2.14
N PRO A 9 -22.05 7.28 -2.84
CA PRO A 9 -22.06 5.95 -2.22
C PRO A 9 -20.83 5.83 -1.32
N ALA A 10 -20.95 5.08 -0.24
CA ALA A 10 -19.85 4.93 0.71
C ALA A 10 -18.70 4.06 0.20
N ASP A 11 -17.48 4.41 0.63
CA ASP A 11 -16.28 3.67 0.25
C ASP A 11 -16.41 2.28 0.88
N PRO A 12 -16.15 1.21 0.11
CA PRO A 12 -16.27 -0.13 0.67
C PRO A 12 -15.38 -0.36 1.88
N ILE A 13 -14.22 0.30 1.88
CA ILE A 13 -13.24 0.18 2.97
C ILE A 13 -13.52 1.13 4.13
N LEU A 14 -13.57 2.43 3.82
CA LEU A 14 -13.79 3.45 4.85
C LEU A 14 -15.21 3.54 5.40
N GLY A 15 -16.20 3.34 4.53
CA GLY A 15 -17.58 3.40 4.99
C GLY A 15 -17.85 2.31 6.00
N LEU A 16 -16.94 1.34 6.05
CA LEU A 16 -17.01 0.21 6.96
C LEU A 16 -16.74 0.66 8.38
N ALA A 17 -15.80 1.59 8.55
CA ALA A 17 -15.46 2.09 9.88
C ALA A 17 -16.67 2.77 10.50
N ASP A 18 -17.43 3.47 9.67
CA ASP A 18 -18.63 4.17 10.11
C ASP A 18 -19.62 3.20 10.74
N LEU A 19 -20.02 2.19 9.95
CA LEU A 19 -20.98 1.18 10.40
C LEU A 19 -20.53 0.48 11.66
N PHE A 20 -19.24 0.18 11.74
CA PHE A 20 -18.69 -0.53 12.89
C PHE A 20 -18.85 0.26 14.17
N ARG A 21 -18.42 1.52 14.17
CA ARG A 21 -18.53 2.35 15.37
C ARG A 21 -19.99 2.63 15.72
N ALA A 22 -20.86 2.70 14.71
CA ALA A 22 -22.27 2.95 14.95
C ALA A 22 -22.95 1.70 15.49
N ASP A 23 -22.37 0.54 15.17
CA ASP A 23 -22.91 -0.73 15.62
C ASP A 23 -22.62 -0.86 17.12
N GLU A 24 -23.66 -1.22 17.87
CA GLU A 24 -23.52 -1.43 19.32
C GLU A 24 -22.91 -2.83 19.42
N ARG A 25 -23.36 -3.63 20.39
CA ARG A 25 -22.86 -4.99 20.56
C ARG A 25 -21.38 -5.04 20.93
N PRO A 26 -21.05 -5.55 22.13
CA PRO A 26 -19.67 -5.64 22.61
C PRO A 26 -18.74 -6.54 21.78
N GLY A 27 -19.20 -7.74 21.46
CA GLY A 27 -18.39 -8.68 20.69
C GLY A 27 -18.16 -8.42 19.21
N LYS A 28 -18.58 -7.28 18.69
CA LYS A 28 -18.41 -6.95 17.29
C LYS A 28 -16.91 -6.95 16.95
N ILE A 29 -16.54 -7.59 15.85
CA ILE A 29 -15.14 -7.69 15.45
C ILE A 29 -14.90 -6.95 14.13
N ASN A 30 -13.81 -6.22 14.05
CA ASN A 30 -13.48 -5.43 12.86
C ASN A 30 -12.26 -5.92 12.09
N LEU A 31 -12.52 -6.59 10.98
CA LEU A 31 -11.48 -7.12 10.10
C LEU A 31 -11.49 -6.37 8.77
N GLY A 32 -11.90 -5.11 8.80
CA GLY A 32 -11.97 -4.32 7.59
C GLY A 32 -10.72 -3.57 7.14
N ILE A 33 -10.58 -2.32 7.57
CA ILE A 33 -9.44 -1.49 7.17
C ILE A 33 -8.07 -2.07 7.53
N GLY A 34 -7.10 -1.81 6.66
CA GLY A 34 -5.74 -2.30 6.85
C GLY A 34 -4.92 -1.52 7.86
N VAL A 35 -5.21 -1.74 9.13
CA VAL A 35 -4.51 -1.10 10.22
C VAL A 35 -4.08 -2.23 11.11
N TYR A 36 -2.82 -2.20 11.53
CA TYR A 36 -2.24 -3.23 12.39
C TYR A 36 -2.79 -3.18 13.81
N LYS A 37 -2.93 -4.36 14.43
CA LYS A 37 -3.40 -4.48 15.81
C LYS A 37 -2.44 -5.41 16.52
N ASP A 38 -2.16 -5.13 17.78
CA ASP A 38 -1.26 -6.00 18.54
C ASP A 38 -2.08 -7.04 19.29
N GLU A 39 -1.41 -7.91 20.03
CA GLU A 39 -2.06 -8.95 20.82
C GLU A 39 -3.28 -8.50 21.61
N THR A 40 -3.27 -7.26 22.08
CA THR A 40 -4.34 -6.73 22.88
C THR A 40 -5.50 -6.07 22.09
N GLY A 41 -5.39 -6.08 20.77
CA GLY A 41 -6.43 -5.47 19.95
C GLY A 41 -6.36 -3.96 19.87
N LYS A 42 -5.17 -3.42 20.07
CA LYS A 42 -4.95 -1.98 20.01
C LYS A 42 -4.00 -1.71 18.88
N THR A 43 -4.01 -0.47 18.40
CA THR A 43 -3.11 -0.03 17.34
C THR A 43 -2.28 1.07 18.02
N PRO A 44 -1.28 0.67 18.82
CA PRO A 44 -0.43 1.64 19.52
C PRO A 44 0.50 2.44 18.62
N VAL A 45 1.03 3.53 19.15
CA VAL A 45 2.01 4.30 18.41
C VAL A 45 3.35 3.66 18.76
N LEU A 46 4.16 3.37 17.76
CA LEU A 46 5.46 2.74 17.98
C LEU A 46 6.32 3.52 19.01
N THR A 47 7.16 2.79 19.75
CA THR A 47 8.05 3.39 20.74
C THR A 47 9.08 4.28 20.05
N SER A 48 9.64 3.80 18.95
CA SER A 48 10.61 4.56 18.17
C SER A 48 10.01 5.89 17.74
N VAL A 49 8.70 5.86 17.46
CA VAL A 49 7.95 7.03 17.06
C VAL A 49 7.76 7.98 18.24
N LYS A 50 7.49 7.43 19.42
CA LYS A 50 7.31 8.24 20.64
C LYS A 50 8.63 8.94 20.98
N LYS A 51 9.73 8.24 20.78
CA LYS A 51 11.05 8.79 21.05
C LYS A 51 11.42 9.93 20.07
N ALA A 52 11.12 9.73 18.79
CA ALA A 52 11.41 10.76 17.78
C ALA A 52 10.57 11.99 18.04
N GLU A 53 9.32 11.77 18.45
CA GLU A 53 8.43 12.89 18.72
C GLU A 53 8.90 13.73 19.89
N GLN A 54 9.52 13.10 20.88
CA GLN A 54 10.03 13.84 22.03
C GLN A 54 11.23 14.65 21.58
N TYR A 55 12.08 14.01 20.79
CA TYR A 55 13.24 14.66 20.24
C TYR A 55 12.81 15.93 19.52
N LEU A 56 11.73 15.83 18.75
CA LEU A 56 11.22 16.99 18.00
C LEU A 56 10.63 18.05 18.92
N LEU A 57 9.92 17.62 19.96
CA LEU A 57 9.30 18.56 20.87
C LEU A 57 10.36 19.47 21.49
N GLU A 58 11.48 18.90 21.87
CA GLU A 58 12.52 19.69 22.50
C GLU A 58 13.48 20.37 21.54
N ASN A 59 13.63 19.83 20.34
CA ASN A 59 14.57 20.38 19.38
C ASN A 59 14.02 21.23 18.22
N GLU A 60 12.70 21.23 18.02
CA GLU A 60 12.08 22.00 16.94
C GLU A 60 12.01 23.48 17.31
N THR A 61 12.51 24.34 16.43
CA THR A 61 12.55 25.80 16.67
C THR A 61 11.53 26.62 15.88
N THR A 62 10.94 26.03 14.84
CA THR A 62 10.02 26.77 13.99
C THR A 62 9.12 25.82 13.21
N LYS A 63 8.01 26.36 12.71
CA LYS A 63 7.05 25.61 11.92
C LYS A 63 7.00 26.27 10.54
N ASN A 64 8.04 27.02 10.21
CA ASN A 64 8.13 27.72 8.93
C ASN A 64 7.95 26.73 7.78
N TYR A 65 7.32 27.17 6.70
CA TYR A 65 7.04 26.33 5.53
C TYR A 65 8.14 25.37 5.11
N LEU A 66 7.75 24.20 4.65
CA LEU A 66 8.67 23.14 4.26
C LEU A 66 9.20 23.03 2.83
N GLY A 67 8.72 23.84 1.90
CA GLY A 67 9.22 23.70 0.53
C GLY A 67 8.40 22.63 -0.19
N ILE A 68 8.02 22.90 -1.43
CA ILE A 68 7.18 22.00 -2.22
C ILE A 68 7.43 20.52 -2.06
N ASP A 69 8.68 20.13 -2.18
CA ASP A 69 9.04 18.72 -2.07
C ASP A 69 9.26 18.15 -0.65
N GLY A 70 9.16 18.99 0.36
CA GLY A 70 9.31 18.54 1.74
C GLY A 70 10.73 18.53 2.31
N ILE A 71 10.94 17.66 3.30
CA ILE A 71 12.23 17.51 3.98
C ILE A 71 13.18 16.69 3.10
N PRO A 72 14.38 17.24 2.82
CA PRO A 72 15.41 16.61 1.99
C PRO A 72 15.93 15.28 2.53
N GLU A 73 16.24 15.24 3.82
CA GLU A 73 16.75 14.01 4.43
C GLU A 73 15.70 12.92 4.22
N PHE A 74 14.44 13.30 4.34
CA PHE A 74 13.32 12.38 4.15
C PHE A 74 13.43 11.76 2.77
N GLY A 75 13.55 12.61 1.75
CA GLY A 75 13.68 12.14 0.37
C GLY A 75 14.88 11.24 0.15
N ARG A 76 16.03 11.62 0.72
CA ARG A 76 17.25 10.83 0.59
C ARG A 76 17.06 9.44 1.15
N CYS A 77 16.42 9.38 2.32
CA CYS A 77 16.14 8.11 3.02
C CYS A 77 15.20 7.17 2.29
N THR A 78 14.13 7.69 1.69
CA THR A 78 13.21 6.80 0.98
C THR A 78 13.85 6.24 -0.29
N GLN A 79 14.66 7.04 -0.98
CA GLN A 79 15.34 6.55 -2.18
C GLN A 79 16.25 5.37 -1.84
N GLU A 80 16.94 5.44 -0.69
CA GLU A 80 17.83 4.35 -0.26
C GLU A 80 17.02 3.13 0.17
N LEU A 81 15.84 3.36 0.76
CA LEU A 81 14.98 2.27 1.17
C LEU A 81 14.46 1.53 -0.07
N LEU A 82 14.05 2.31 -1.06
CA LEU A 82 13.51 1.80 -2.32
C LEU A 82 14.56 1.20 -3.26
N PHE A 83 15.67 1.93 -3.44
CA PHE A 83 16.72 1.51 -4.37
C PHE A 83 18.00 0.88 -3.81
N GLY A 84 18.23 1.00 -2.51
CA GLY A 84 19.46 0.44 -1.95
C GLY A 84 20.47 1.57 -1.83
N LYS A 85 21.43 1.44 -0.91
CA LYS A 85 22.41 2.48 -0.69
C LYS A 85 23.38 2.72 -1.84
N GLY A 86 23.93 1.65 -2.40
CA GLY A 86 24.87 1.81 -3.49
C GLY A 86 24.25 2.34 -4.78
N SER A 87 23.05 1.86 -5.08
CA SER A 87 22.29 2.20 -6.26
C SER A 87 22.77 3.31 -7.17
N ALA A 88 22.79 2.98 -8.46
CA ALA A 88 23.20 3.91 -9.50
C ALA A 88 22.17 5.02 -9.72
N LEU A 89 20.91 4.75 -9.39
CA LEU A 89 19.87 5.77 -9.57
C LEU A 89 20.21 6.94 -8.67
N ILE A 90 20.77 6.62 -7.51
CA ILE A 90 21.13 7.63 -6.53
C ILE A 90 22.41 8.34 -6.97
N ASN A 91 23.43 7.54 -7.27
CA ASN A 91 24.72 8.06 -7.71
C ASN A 91 24.65 8.92 -8.98
N ASP A 92 23.82 8.54 -9.95
CA ASP A 92 23.70 9.29 -11.20
C ASP A 92 22.68 10.42 -11.11
N LYS A 93 22.08 10.59 -9.94
CA LYS A 93 21.07 11.62 -9.72
C LYS A 93 19.88 11.58 -10.68
N ARG A 94 19.40 10.36 -10.94
CA ARG A 94 18.28 10.13 -11.84
C ARG A 94 16.92 10.20 -11.16
N ALA A 95 16.90 10.21 -9.83
CA ALA A 95 15.64 10.23 -9.09
C ALA A 95 15.40 11.46 -8.23
N ARG A 96 14.14 11.90 -8.16
CA ARG A 96 13.73 13.03 -7.33
C ARG A 96 12.54 12.54 -6.50
N THR A 97 12.47 12.94 -5.24
CA THR A 97 11.39 12.54 -4.35
C THR A 97 10.66 13.73 -3.76
N ALA A 98 9.34 13.68 -3.81
CA ALA A 98 8.51 14.73 -3.24
C ALA A 98 7.75 14.09 -2.08
N GLN A 99 7.79 14.74 -0.92
CA GLN A 99 7.08 14.27 0.28
C GLN A 99 5.61 14.56 0.02
N THR A 100 4.72 13.60 0.31
CA THR A 100 3.29 13.80 0.07
C THR A 100 2.40 13.36 1.24
N PRO A 101 1.12 13.77 1.22
CA PRO A 101 0.14 13.43 2.27
C PRO A 101 -0.29 11.98 2.07
N GLY A 102 0.60 11.06 2.44
CA GLY A 102 0.32 9.64 2.31
C GLY A 102 0.58 9.04 0.95
N GLY A 103 0.39 7.73 0.85
CA GLY A 103 0.58 7.02 -0.40
C GLY A 103 -0.52 7.42 -1.37
N THR A 104 -1.68 7.80 -0.84
CA THR A 104 -2.80 8.21 -1.67
C THR A 104 -2.50 9.55 -2.32
N GLY A 105 -1.91 10.47 -1.55
CA GLY A 105 -1.55 11.77 -2.09
C GLY A 105 -0.45 11.63 -3.13
N ALA A 106 0.42 10.63 -2.95
CA ALA A 106 1.50 10.37 -3.88
C ALA A 106 0.92 9.91 -5.22
N LEU A 107 -0.09 9.04 -5.17
CA LEU A 107 -0.74 8.55 -6.38
C LEU A 107 -1.43 9.71 -7.09
N ARG A 108 -2.13 10.55 -6.33
CA ARG A 108 -2.81 11.69 -6.93
C ARG A 108 -1.86 12.69 -7.57
N VAL A 109 -0.79 13.09 -6.88
CA VAL A 109 0.16 14.05 -7.46
C VAL A 109 0.79 13.45 -8.72
N ALA A 110 1.00 12.15 -8.70
CA ALA A 110 1.56 11.44 -9.84
C ALA A 110 0.57 11.49 -11.00
N ALA A 111 -0.71 11.28 -10.70
CA ALA A 111 -1.77 11.29 -11.71
C ALA A 111 -1.92 12.68 -12.30
N ASP A 112 -1.91 13.70 -11.45
CA ASP A 112 -2.04 15.10 -11.87
C ASP A 112 -0.85 15.47 -12.74
N PHE A 113 0.30 14.95 -12.38
CA PHE A 113 1.51 15.22 -13.12
C PHE A 113 1.40 14.60 -14.52
N LEU A 114 1.13 13.30 -14.56
CA LEU A 114 1.00 12.56 -15.83
C LEU A 114 -0.05 13.13 -16.77
N ALA A 115 -1.20 13.49 -16.22
CA ALA A 115 -2.30 14.00 -17.02
C ALA A 115 -2.06 15.34 -17.69
N LYS A 116 -1.20 16.17 -17.08
CA LYS A 116 -0.96 17.50 -17.62
C LYS A 116 0.35 17.75 -18.34
N ASN A 117 1.33 16.87 -18.16
CA ASN A 117 2.65 17.05 -18.77
C ASN A 117 3.06 15.89 -19.64
N THR A 118 2.19 14.89 -19.72
CA THR A 118 2.46 13.69 -20.46
C THR A 118 1.31 13.40 -21.42
N SER A 119 1.52 12.45 -22.33
CA SER A 119 0.50 12.06 -23.31
C SER A 119 -0.25 10.79 -22.89
N VAL A 120 -0.16 10.45 -21.60
CA VAL A 120 -0.83 9.26 -21.08
C VAL A 120 -2.31 9.50 -21.02
N LYS A 121 -3.07 8.48 -21.36
CA LYS A 121 -4.52 8.58 -21.36
C LYS A 121 -5.12 7.44 -20.54
N ARG A 122 -4.44 6.30 -20.49
CA ARG A 122 -4.94 5.15 -19.75
C ARG A 122 -3.93 4.54 -18.78
N VAL A 123 -4.45 4.09 -17.64
CA VAL A 123 -3.65 3.46 -16.58
C VAL A 123 -4.20 2.04 -16.37
N TRP A 124 -3.31 1.05 -16.33
CA TRP A 124 -3.71 -0.34 -16.13
C TRP A 124 -3.58 -0.75 -14.67
N VAL A 125 -4.69 -1.17 -14.07
CA VAL A 125 -4.74 -1.59 -12.67
C VAL A 125 -5.21 -3.06 -12.59
N SER A 126 -4.57 -3.84 -11.74
CA SER A 126 -4.91 -5.26 -11.60
C SER A 126 -6.34 -5.52 -11.19
N ASN A 127 -6.76 -6.75 -11.44
CA ASN A 127 -8.09 -7.21 -11.07
C ASN A 127 -7.86 -8.47 -10.23
N PRO A 128 -8.13 -8.41 -8.91
CA PRO A 128 -8.64 -7.24 -8.16
C PRO A 128 -7.51 -6.33 -7.67
N SER A 129 -7.89 -5.17 -7.14
CA SER A 129 -6.94 -4.20 -6.61
C SER A 129 -7.60 -3.32 -5.52
N TRP A 130 -6.82 -2.41 -4.93
CA TRP A 130 -7.32 -1.47 -3.92
C TRP A 130 -8.34 -0.59 -4.63
N PRO A 131 -9.62 -0.65 -4.22
CA PRO A 131 -10.72 0.12 -4.80
C PRO A 131 -10.42 1.57 -5.10
N ASN A 132 -9.66 2.22 -4.22
CA ASN A 132 -9.37 3.63 -4.41
C ASN A 132 -8.41 3.98 -5.54
N HIS A 133 -7.83 2.98 -6.20
CA HIS A 133 -6.92 3.24 -7.31
C HIS A 133 -7.65 3.92 -8.46
N LYS A 134 -8.76 3.32 -8.88
CA LYS A 134 -9.54 3.87 -9.97
C LYS A 134 -10.06 5.25 -9.66
N SER A 135 -10.50 5.47 -8.43
CA SER A 135 -11.03 6.78 -8.06
C SER A 135 -9.99 7.89 -8.18
N VAL A 136 -8.75 7.59 -7.79
CA VAL A 136 -7.67 8.57 -7.85
C VAL A 136 -7.35 8.89 -9.31
N PHE A 137 -7.09 7.86 -10.11
CA PHE A 137 -6.78 8.06 -11.51
C PHE A 137 -7.92 8.72 -12.27
N ASN A 138 -9.15 8.30 -12.03
CA ASN A 138 -10.29 8.90 -12.70
C ASN A 138 -10.43 10.40 -12.37
N SER A 139 -10.06 10.78 -11.15
CA SER A 139 -10.14 12.18 -10.72
C SER A 139 -9.22 13.12 -11.50
N ALA A 140 -8.14 12.56 -12.05
CA ALA A 140 -7.17 13.33 -12.82
C ALA A 140 -7.48 13.28 -14.31
N GLY A 141 -8.51 12.53 -14.68
CA GLY A 141 -8.91 12.43 -16.08
C GLY A 141 -8.42 11.19 -16.80
N LEU A 142 -7.54 10.41 -16.18
CA LEU A 142 -7.05 9.20 -16.84
C LEU A 142 -8.12 8.13 -16.80
N GLU A 143 -8.03 7.17 -17.71
CA GLU A 143 -9.00 6.09 -17.75
C GLU A 143 -8.31 4.85 -17.21
N VAL A 144 -9.07 4.00 -16.54
CA VAL A 144 -8.52 2.80 -15.98
C VAL A 144 -8.97 1.52 -16.67
N ARG A 145 -8.00 0.73 -17.13
CA ARG A 145 -8.26 -0.54 -17.78
C ARG A 145 -7.76 -1.58 -16.77
N GLU A 146 -8.32 -2.78 -16.80
CA GLU A 146 -7.92 -3.82 -15.85
C GLU A 146 -7.26 -5.03 -16.47
N TYR A 147 -6.28 -5.58 -15.77
CA TYR A 147 -5.62 -6.78 -16.22
C TYR A 147 -5.86 -7.93 -15.24
N ALA A 148 -5.90 -9.15 -15.78
CA ALA A 148 -6.11 -10.34 -14.96
C ALA A 148 -4.95 -10.52 -14.02
N TYR A 149 -5.21 -11.13 -12.88
CA TYR A 149 -4.17 -11.33 -11.88
C TYR A 149 -4.34 -12.61 -11.10
N TYR A 150 -5.39 -12.65 -10.28
CA TYR A 150 -5.64 -13.77 -9.40
C TYR A 150 -6.40 -14.93 -10.03
N ASP A 151 -5.95 -16.14 -9.71
CA ASP A 151 -6.59 -17.37 -10.16
C ASP A 151 -7.36 -17.84 -8.94
N ALA A 152 -8.65 -17.52 -8.90
CA ALA A 152 -9.52 -17.87 -7.79
C ALA A 152 -9.61 -19.35 -7.47
N GLU A 153 -9.52 -20.20 -8.49
CA GLU A 153 -9.62 -21.63 -8.29
C GLU A 153 -8.41 -22.17 -7.53
N ASN A 154 -7.22 -21.96 -8.08
CA ASN A 154 -5.98 -22.42 -7.44
C ASN A 154 -5.46 -21.49 -6.36
N HIS A 155 -5.94 -20.24 -6.39
CA HIS A 155 -5.52 -19.20 -5.44
C HIS A 155 -4.06 -18.93 -5.78
N THR A 156 -3.80 -18.67 -7.05
CA THR A 156 -2.43 -18.43 -7.49
C THR A 156 -2.39 -17.17 -8.34
N LEU A 157 -1.21 -16.86 -8.83
CA LEU A 157 -1.01 -15.70 -9.68
C LEU A 157 -1.14 -16.28 -11.08
N ASP A 158 -2.21 -15.92 -11.77
CA ASP A 158 -2.45 -16.40 -13.12
C ASP A 158 -1.56 -15.58 -14.05
N PHE A 159 -0.29 -15.96 -14.14
CA PHE A 159 0.68 -15.24 -14.97
C PHE A 159 0.34 -15.18 -16.45
N ASP A 160 -0.16 -16.28 -17.00
CA ASP A 160 -0.53 -16.33 -18.42
C ASP A 160 -1.58 -15.29 -18.74
N ALA A 161 -2.63 -15.24 -17.91
CA ALA A 161 -3.71 -14.29 -18.07
C ALA A 161 -3.19 -12.87 -17.87
N LEU A 162 -2.28 -12.69 -16.92
CA LEU A 162 -1.69 -11.38 -16.64
C LEU A 162 -1.03 -10.89 -17.92
N ILE A 163 -0.13 -11.72 -18.46
CA ILE A 163 0.58 -11.41 -19.70
C ILE A 163 -0.42 -11.14 -20.82
N ASN A 164 -1.34 -12.08 -21.05
CA ASN A 164 -2.35 -11.96 -22.09
C ASN A 164 -3.23 -10.73 -21.99
N SER A 165 -3.49 -10.28 -20.76
CA SER A 165 -4.31 -9.09 -20.56
C SER A 165 -3.49 -7.87 -20.94
N LEU A 166 -2.25 -7.82 -20.44
CA LEU A 166 -1.37 -6.69 -20.70
C LEU A 166 -0.93 -6.53 -22.14
N ASN A 167 -1.10 -7.58 -22.93
CA ASN A 167 -0.75 -7.54 -24.34
C ASN A 167 -1.63 -6.54 -25.10
N GLU A 168 -2.67 -6.05 -24.45
CA GLU A 168 -3.59 -5.08 -25.06
C GLU A 168 -3.19 -3.64 -24.69
N ALA A 169 -2.15 -3.52 -23.87
CA ALA A 169 -1.66 -2.22 -23.43
C ALA A 169 -0.71 -1.67 -24.48
N GLN A 170 -0.89 -0.42 -24.83
CA GLN A 170 -0.06 0.22 -25.84
C GLN A 170 1.18 0.92 -25.28
N ALA A 171 2.14 1.20 -26.15
CA ALA A 171 3.37 1.87 -25.76
C ALA A 171 2.94 3.25 -25.29
N GLY A 172 3.36 3.63 -24.09
CA GLY A 172 2.98 4.94 -23.58
C GLY A 172 1.92 4.86 -22.51
N ASP A 173 1.39 3.66 -22.28
CA ASP A 173 0.38 3.46 -21.25
C ASP A 173 1.06 3.21 -19.91
N VAL A 174 0.34 3.47 -18.82
CA VAL A 174 0.89 3.25 -17.49
C VAL A 174 0.39 1.92 -16.98
N VAL A 175 1.26 1.18 -16.29
CA VAL A 175 0.88 -0.09 -15.71
C VAL A 175 1.23 0.00 -14.23
N LEU A 176 0.21 -0.08 -13.37
CA LEU A 176 0.39 0.00 -11.93
C LEU A 176 0.71 -1.36 -11.34
N PHE A 177 1.85 -1.45 -10.65
CA PHE A 177 2.26 -2.69 -10.00
C PHE A 177 2.29 -2.48 -8.49
N HIS A 178 1.96 -3.51 -7.74
CA HIS A 178 2.02 -3.45 -6.28
C HIS A 178 3.41 -3.98 -5.94
N GLY A 179 4.22 -3.16 -5.25
CA GLY A 179 5.58 -3.57 -4.90
C GLY A 179 5.69 -4.92 -4.21
N CYS A 180 4.83 -5.13 -3.21
CA CYS A 180 4.76 -6.39 -2.45
C CYS A 180 3.43 -6.34 -1.70
N CYS A 181 3.02 -7.46 -1.12
CA CYS A 181 1.76 -7.54 -0.37
C CYS A 181 0.58 -7.06 -1.21
N HIS A 182 0.36 -7.74 -2.33
CA HIS A 182 -0.72 -7.37 -3.22
C HIS A 182 -2.04 -7.22 -2.45
N ASN A 183 -2.64 -6.06 -2.56
CA ASN A 183 -3.93 -5.78 -1.93
C ASN A 183 -4.96 -6.03 -3.05
N PRO A 184 -5.95 -6.90 -2.80
CA PRO A 184 -6.24 -7.67 -1.60
C PRO A 184 -5.89 -9.17 -1.60
N THR A 185 -5.26 -9.65 -2.67
CA THR A 185 -4.93 -11.07 -2.78
C THR A 185 -3.80 -11.60 -1.90
N GLY A 186 -2.78 -10.79 -1.70
CA GLY A 186 -1.64 -11.20 -0.90
C GLY A 186 -0.65 -12.02 -1.72
N ILE A 187 -1.01 -12.30 -2.97
CA ILE A 187 -0.15 -13.08 -3.88
C ILE A 187 0.76 -12.10 -4.64
N ASP A 188 2.04 -12.42 -4.72
CA ASP A 188 3.00 -11.55 -5.39
C ASP A 188 3.82 -12.35 -6.39
N PRO A 189 4.37 -11.68 -7.42
CA PRO A 189 5.16 -12.39 -8.42
C PRO A 189 6.51 -12.76 -7.82
N THR A 190 7.10 -13.84 -8.32
CA THR A 190 8.41 -14.27 -7.84
C THR A 190 9.44 -13.32 -8.46
N LEU A 191 10.71 -13.49 -8.12
CA LEU A 191 11.74 -12.64 -8.69
C LEU A 191 11.82 -12.90 -10.21
N GLU A 192 11.62 -14.16 -10.59
CA GLU A 192 11.65 -14.57 -11.99
C GLU A 192 10.52 -13.84 -12.71
N GLN A 193 9.32 -13.96 -12.17
CA GLN A 193 8.17 -13.30 -12.75
C GLN A 193 8.35 -11.80 -12.79
N TRP A 194 9.02 -11.24 -11.78
CA TRP A 194 9.26 -9.79 -11.73
C TRP A 194 10.23 -9.38 -12.84
N GLN A 195 11.25 -10.21 -13.09
CA GLN A 195 12.22 -9.89 -14.14
C GLN A 195 11.57 -10.01 -15.51
N THR A 196 10.74 -11.02 -15.68
CA THR A 196 10.02 -11.22 -16.94
C THR A 196 9.16 -9.98 -17.23
N LEU A 197 8.39 -9.56 -16.24
CA LEU A 197 7.53 -8.39 -16.36
C LEU A 197 8.38 -7.17 -16.72
N ALA A 198 9.60 -7.13 -16.21
CA ALA A 198 10.52 -6.03 -16.49
C ALA A 198 10.90 -5.99 -17.96
N GLN A 199 11.24 -7.15 -18.51
CA GLN A 199 11.63 -7.29 -19.92
C GLN A 199 10.46 -6.88 -20.81
N LEU A 200 9.32 -7.53 -20.60
CA LEU A 200 8.12 -7.27 -21.35
C LEU A 200 7.82 -5.78 -21.33
N SER A 201 7.87 -5.19 -20.14
CA SER A 201 7.61 -3.78 -19.98
C SER A 201 8.52 -2.89 -20.84
N VAL A 202 9.79 -3.24 -20.93
CA VAL A 202 10.75 -2.46 -21.71
C VAL A 202 10.52 -2.57 -23.23
N GLU A 203 10.09 -3.74 -23.69
CA GLU A 203 9.82 -3.96 -25.10
C GLU A 203 8.54 -3.28 -25.57
N LYS A 204 7.52 -3.31 -24.73
CA LYS A 204 6.22 -2.74 -25.06
C LYS A 204 6.12 -1.24 -24.81
N GLY A 205 7.12 -0.68 -24.13
CA GLY A 205 7.12 0.75 -23.87
C GLY A 205 6.11 1.23 -22.84
N TRP A 206 5.90 0.46 -21.79
CA TRP A 206 4.96 0.83 -20.72
C TRP A 206 5.69 1.67 -19.69
N LEU A 207 4.97 2.54 -18.99
CA LEU A 207 5.54 3.36 -17.94
C LEU A 207 5.15 2.68 -16.61
N PRO A 208 6.13 2.06 -15.93
CA PRO A 208 5.84 1.39 -14.66
C PRO A 208 5.52 2.37 -13.56
N LEU A 209 4.46 2.07 -12.80
CA LEU A 209 4.05 2.88 -11.67
C LEU A 209 3.84 1.91 -10.52
N PHE A 210 4.79 1.91 -9.59
CA PHE A 210 4.72 1.02 -8.42
C PHE A 210 4.04 1.65 -7.21
N ASP A 211 3.11 0.93 -6.60
CA ASP A 211 2.45 1.39 -5.39
C ASP A 211 3.12 0.53 -4.32
N PHE A 212 3.83 1.20 -3.41
CA PHE A 212 4.56 0.51 -2.35
C PHE A 212 4.06 1.05 -1.01
N ALA A 213 3.08 0.36 -0.43
CA ALA A 213 2.51 0.80 0.83
C ALA A 213 2.78 -0.16 1.98
N TYR A 214 3.40 -1.29 1.66
CA TYR A 214 3.68 -2.31 2.67
C TYR A 214 5.12 -2.80 2.65
N GLN A 215 6.09 -1.91 2.43
CA GLN A 215 7.47 -2.37 2.40
C GLN A 215 7.84 -2.81 3.80
N GLY A 216 8.27 -4.07 3.92
CA GLY A 216 8.66 -4.63 5.20
C GLY A 216 7.73 -5.71 5.72
N PHE A 217 6.52 -5.80 5.19
CA PHE A 217 5.54 -6.78 5.67
C PHE A 217 5.49 -8.16 5.04
N ALA A 218 6.26 -8.40 3.98
CA ALA A 218 6.26 -9.70 3.33
C ALA A 218 7.42 -10.58 3.80
N ARG A 219 8.63 -10.14 3.47
CA ARG A 219 9.83 -10.87 3.84
C ARG A 219 10.78 -9.95 4.61
N GLY A 220 10.94 -8.74 4.10
CA GLY A 220 11.83 -7.78 4.74
C GLY A 220 11.94 -6.51 3.92
N LEU A 221 12.56 -5.51 4.52
CA LEU A 221 12.74 -4.21 3.87
C LEU A 221 13.39 -4.36 2.50
N GLU A 222 14.57 -4.96 2.48
CA GLU A 222 15.31 -5.15 1.24
C GLU A 222 14.68 -6.17 0.30
N GLU A 223 14.21 -7.28 0.86
CA GLU A 223 13.60 -8.33 0.05
C GLU A 223 12.35 -7.86 -0.69
N ASP A 224 11.50 -7.11 0.00
CA ASP A 224 10.27 -6.60 -0.55
C ASP A 224 10.47 -5.61 -1.70
N ALA A 225 11.68 -5.09 -1.84
CA ALA A 225 11.96 -4.14 -2.91
C ALA A 225 12.65 -4.80 -4.11
N GLU A 226 12.81 -6.13 -4.07
CA GLU A 226 13.44 -6.88 -5.15
C GLU A 226 12.84 -6.65 -6.53
N GLY A 227 11.52 -6.70 -6.62
CA GLY A 227 10.84 -6.50 -7.88
C GLY A 227 11.07 -5.13 -8.48
N LEU A 228 10.84 -4.10 -7.68
CA LEU A 228 11.04 -2.72 -8.10
C LEU A 228 12.48 -2.52 -8.55
N ARG A 229 13.43 -3.04 -7.77
CA ARG A 229 14.83 -2.88 -8.12
C ARG A 229 15.17 -3.55 -9.45
N ALA A 230 14.46 -4.63 -9.76
CA ALA A 230 14.67 -5.35 -11.02
C ALA A 230 14.20 -4.47 -12.16
N PHE A 231 13.12 -3.72 -11.92
CA PHE A 231 12.58 -2.82 -12.93
C PHE A 231 13.49 -1.61 -13.11
N ALA A 232 13.97 -1.06 -12.00
CA ALA A 232 14.84 0.12 -12.00
C ALA A 232 16.20 -0.11 -12.66
N ALA A 233 16.60 -1.37 -12.76
CA ALA A 233 17.86 -1.71 -13.40
C ALA A 233 17.70 -1.64 -14.92
N MET A 234 16.48 -1.86 -15.39
CA MET A 234 16.19 -1.88 -16.81
C MET A 234 15.51 -0.66 -17.40
N HIS A 235 14.70 0.02 -16.59
CA HIS A 235 13.99 1.18 -17.08
C HIS A 235 14.73 2.48 -16.93
N LYS A 236 14.47 3.39 -17.86
CA LYS A 236 15.05 4.71 -17.83
C LYS A 236 14.09 5.61 -17.07
N GLU A 237 12.80 5.28 -17.11
CA GLU A 237 11.78 6.06 -16.43
C GLU A 237 10.76 5.21 -15.66
N LEU A 238 10.41 5.66 -14.46
CA LEU A 238 9.42 5.00 -13.61
C LEU A 238 8.96 5.95 -12.50
N ILE A 239 7.80 5.67 -11.94
CA ILE A 239 7.28 6.48 -10.86
C ILE A 239 6.94 5.54 -9.74
N VAL A 240 7.22 5.94 -8.50
CA VAL A 240 6.87 5.09 -7.38
C VAL A 240 6.25 5.90 -6.27
N ALA A 241 5.09 5.42 -5.81
CA ALA A 241 4.35 6.06 -4.74
C ALA A 241 4.49 5.13 -3.55
N SER A 242 5.16 5.59 -2.50
CA SER A 242 5.38 4.76 -1.32
C SER A 242 4.66 5.36 -0.12
N SER A 243 4.42 4.54 0.90
CA SER A 243 3.73 4.99 2.10
C SER A 243 4.45 4.51 3.35
N TYR A 244 4.37 5.31 4.40
CA TYR A 244 4.98 4.97 5.68
C TYR A 244 3.88 4.85 6.75
N SER A 245 2.64 4.67 6.31
CA SER A 245 1.49 4.54 7.20
C SER A 245 1.48 3.23 7.97
N LYS A 246 1.77 2.14 7.28
CA LYS A 246 1.74 0.85 7.93
C LYS A 246 3.04 0.47 8.61
N ASN A 247 4.17 0.53 7.90
CA ASN A 247 5.44 0.17 8.51
C ASN A 247 5.97 1.09 9.59
N PHE A 248 5.31 2.23 9.79
CA PHE A 248 5.69 3.17 10.82
C PHE A 248 4.50 3.47 11.73
N GLY A 249 3.37 2.83 11.46
CA GLY A 249 2.17 3.06 12.25
C GLY A 249 1.82 4.53 12.30
N LEU A 250 2.10 5.25 11.22
CA LEU A 250 1.83 6.69 11.16
C LEU A 250 0.59 7.07 10.35
N TYR A 251 -0.37 6.14 10.31
CA TYR A 251 -1.63 6.31 9.58
C TYR A 251 -2.18 7.73 9.49
N ASN A 252 -2.54 8.33 10.62
CA ASN A 252 -3.13 9.68 10.58
C ASN A 252 -2.22 10.88 10.41
N GLU A 253 -0.91 10.66 10.23
CA GLU A 253 0.00 11.80 10.05
C GLU A 253 0.23 12.05 8.56
N ARG A 254 -0.18 11.10 7.73
CA ARG A 254 -0.07 11.21 6.26
C ARG A 254 1.36 11.39 5.78
N VAL A 255 2.09 10.30 5.80
CA VAL A 255 3.48 10.30 5.40
C VAL A 255 3.64 9.38 4.21
N GLY A 256 4.00 9.95 3.08
CA GLY A 256 4.22 9.17 1.87
C GLY A 256 5.22 9.88 0.98
N ALA A 257 5.50 9.28 -0.17
CA ALA A 257 6.47 9.87 -1.07
C ALA A 257 6.19 9.54 -2.53
N CYS A 258 6.49 10.48 -3.41
CA CYS A 258 6.33 10.25 -4.84
C CYS A 258 7.70 10.41 -5.48
N THR A 259 8.31 9.29 -5.82
CA THR A 259 9.61 9.30 -6.46
C THR A 259 9.52 9.17 -7.98
N LEU A 260 10.17 10.10 -8.67
CA LEU A 260 10.21 10.18 -10.12
C LEU A 260 11.61 9.79 -10.59
N VAL A 261 11.70 8.90 -11.58
CA VAL A 261 12.99 8.47 -12.12
C VAL A 261 13.03 8.76 -13.63
N ALA A 262 14.11 9.37 -14.10
CA ALA A 262 14.27 9.68 -15.53
C ALA A 262 15.62 9.21 -16.03
N ALA A 263 15.83 9.30 -17.34
CA ALA A 263 17.08 8.85 -17.95
C ALA A 263 18.34 9.54 -17.41
N ASP A 264 18.19 10.77 -16.94
CA ASP A 264 19.33 11.53 -16.41
C ASP A 264 18.87 12.66 -15.49
N SER A 265 19.81 13.27 -14.77
CA SER A 265 19.49 14.33 -13.84
C SER A 265 18.80 15.50 -14.51
N GLU A 266 19.41 15.98 -15.59
CA GLU A 266 18.88 17.12 -16.33
C GLU A 266 17.40 16.93 -16.69
N THR A 267 17.06 15.75 -17.19
CA THR A 267 15.68 15.43 -17.57
C THR A 267 14.79 15.37 -16.35
N VAL A 268 15.18 14.55 -15.37
CA VAL A 268 14.41 14.37 -14.15
C VAL A 268 14.12 15.69 -13.45
N ASP A 269 15.06 16.63 -13.54
CA ASP A 269 14.90 17.95 -12.93
C ASP A 269 13.78 18.75 -13.58
N ARG A 270 13.72 18.70 -14.91
CA ARG A 270 12.70 19.43 -15.67
C ARG A 270 11.33 18.82 -15.42
N ALA A 271 11.30 17.50 -15.36
CA ALA A 271 10.06 16.76 -15.13
C ALA A 271 9.57 17.06 -13.71
N PHE A 272 10.47 16.97 -12.76
CA PHE A 272 10.15 17.23 -11.36
C PHE A 272 9.65 18.65 -11.11
N SER A 273 10.15 19.61 -11.90
CA SER A 273 9.69 20.97 -11.71
C SER A 273 8.20 21.08 -12.02
N GLN A 274 7.71 20.23 -12.92
CA GLN A 274 6.29 20.23 -13.27
C GLN A 274 5.51 19.50 -12.17
N MET A 275 6.12 18.48 -11.58
CA MET A 275 5.50 17.73 -10.50
C MET A 275 5.27 18.68 -9.34
N LYS A 276 6.26 19.53 -9.07
CA LYS A 276 6.14 20.51 -7.98
C LYS A 276 5.06 21.53 -8.33
N ALA A 277 4.79 21.70 -9.61
CA ALA A 277 3.74 22.62 -10.02
C ALA A 277 2.36 22.04 -9.69
N ALA A 278 2.23 20.73 -9.84
CA ALA A 278 0.98 20.03 -9.55
C ALA A 278 0.69 20.05 -8.03
N ILE A 279 1.75 19.91 -7.24
CA ILE A 279 1.67 19.94 -5.77
C ILE A 279 1.23 21.33 -5.30
N ARG A 280 1.85 22.37 -5.83
CA ARG A 280 1.52 23.75 -5.45
C ARG A 280 0.05 24.07 -5.73
N ALA A 281 -0.52 23.46 -6.78
CA ALA A 281 -1.92 23.72 -7.13
C ALA A 281 -2.89 22.86 -6.33
N ASN A 282 -2.34 21.99 -5.48
CA ASN A 282 -3.13 21.09 -4.67
C ASN A 282 -3.06 21.52 -3.19
N TYR A 283 -1.95 21.22 -2.51
CA TYR A 283 -1.81 21.59 -1.10
C TYR A 283 -0.64 22.50 -0.71
N SER A 284 0.12 22.96 -1.71
CA SER A 284 1.31 23.83 -1.51
C SER A 284 2.57 23.11 -1.10
N ASN A 285 2.62 22.69 0.15
CA ASN A 285 3.77 21.98 0.70
C ASN A 285 3.20 20.95 1.66
N PRO A 286 3.95 19.87 1.93
CA PRO A 286 3.48 18.81 2.83
C PRO A 286 3.62 19.00 4.35
N PRO A 287 2.80 18.26 5.13
CA PRO A 287 2.80 18.30 6.60
C PRO A 287 4.11 17.73 7.15
N ALA A 288 4.81 18.56 7.91
CA ALA A 288 6.12 18.19 8.48
C ALA A 288 6.19 17.03 9.47
N HIS A 289 5.37 17.09 10.52
CA HIS A 289 5.38 16.09 11.59
C HIS A 289 5.69 14.64 11.30
N GLY A 290 4.76 13.93 10.67
CA GLY A 290 5.01 12.52 10.40
C GLY A 290 6.28 12.26 9.61
N ALA A 291 6.63 13.16 8.69
CA ALA A 291 7.82 13.00 7.86
C ALA A 291 9.11 13.28 8.62
N SER A 292 9.06 14.22 9.56
CA SER A 292 10.22 14.52 10.39
C SER A 292 10.46 13.35 11.33
N VAL A 293 9.40 12.65 11.71
CA VAL A 293 9.52 11.49 12.59
C VAL A 293 10.26 10.40 11.81
N VAL A 294 9.83 10.16 10.57
CA VAL A 294 10.47 9.13 9.71
C VAL A 294 11.94 9.42 9.44
N ALA A 295 12.25 10.66 9.14
CA ALA A 295 13.61 11.07 8.87
C ALA A 295 14.47 10.94 10.15
N THR A 296 13.99 11.44 11.28
CA THR A 296 14.75 11.36 12.53
C THR A 296 15.04 9.91 12.93
N ILE A 297 14.10 9.01 12.64
CA ILE A 297 14.29 7.60 12.97
C ILE A 297 15.27 6.95 12.01
N LEU A 298 15.15 7.29 10.74
CA LEU A 298 16.02 6.70 9.74
C LEU A 298 17.45 7.25 9.79
N SER A 299 17.60 8.48 10.26
CA SER A 299 18.90 9.14 10.36
C SER A 299 19.70 8.77 11.63
N ASN A 300 19.05 8.10 12.56
CA ASN A 300 19.66 7.74 13.84
C ASN A 300 19.83 6.23 13.99
N ASP A 301 21.07 5.78 14.18
CA ASP A 301 21.35 4.35 14.34
C ASP A 301 20.54 3.60 15.41
N ALA A 302 20.48 4.12 16.63
CA ALA A 302 19.71 3.47 17.72
C ALA A 302 18.20 3.40 17.44
N LEU A 303 17.63 4.56 17.15
CA LEU A 303 16.21 4.68 16.82
C LEU A 303 15.81 3.77 15.65
N ARG A 304 16.63 3.73 14.61
CA ARG A 304 16.32 2.88 13.46
C ARG A 304 16.36 1.42 13.87
N ALA A 305 17.33 1.07 14.71
CA ALA A 305 17.47 -0.31 15.21
C ALA A 305 16.21 -0.75 15.94
N ILE A 306 15.70 0.11 16.81
CA ILE A 306 14.49 -0.16 17.58
C ILE A 306 13.30 -0.28 16.62
N TRP A 307 13.21 0.63 15.65
CA TRP A 307 12.13 0.61 14.66
C TRP A 307 12.09 -0.69 13.86
N GLU A 308 13.25 -1.06 13.34
CA GLU A 308 13.36 -2.28 12.54
C GLU A 308 12.89 -3.50 13.31
N GLN A 309 13.15 -3.52 14.62
CA GLN A 309 12.73 -4.64 15.45
C GLN A 309 11.22 -4.61 15.63
N GLU A 310 10.67 -3.43 15.88
CA GLU A 310 9.24 -3.27 16.02
C GLU A 310 8.54 -3.77 14.76
N LEU A 311 9.09 -3.41 13.60
CA LEU A 311 8.53 -3.84 12.33
C LEU A 311 8.56 -5.36 12.18
N THR A 312 9.68 -6.02 12.48
CA THR A 312 9.69 -7.47 12.34
C THR A 312 8.74 -8.12 13.33
N ASP A 313 8.53 -7.49 14.48
CA ASP A 313 7.60 -8.03 15.47
C ASP A 313 6.19 -8.03 14.84
N MET A 314 5.79 -6.90 14.26
CA MET A 314 4.49 -6.79 13.60
C MET A 314 4.35 -7.85 12.52
N ARG A 315 5.35 -7.93 11.65
CA ARG A 315 5.31 -8.90 10.57
C ARG A 315 5.12 -10.31 11.10
N GLN A 316 5.92 -10.68 12.10
CA GLN A 316 5.84 -12.02 12.67
C GLN A 316 4.51 -12.32 13.38
N ARG A 317 3.91 -11.31 14.02
CA ARG A 317 2.64 -11.53 14.71
C ARG A 317 1.59 -11.85 13.68
N ILE A 318 1.58 -11.08 12.59
CA ILE A 318 0.63 -11.28 11.52
C ILE A 318 0.76 -12.73 11.03
N GLN A 319 2.00 -13.17 10.85
CA GLN A 319 2.26 -14.53 10.39
C GLN A 319 1.81 -15.61 11.37
N ARG A 320 1.83 -15.30 12.66
CA ARG A 320 1.38 -16.27 13.65
C ARG A 320 -0.14 -16.32 13.58
N MET A 321 -0.75 -15.16 13.39
CA MET A 321 -2.20 -15.05 13.30
C MET A 321 -2.83 -15.78 12.13
N ARG A 322 -2.30 -15.61 10.93
CA ARG A 322 -2.91 -16.31 9.80
C ARG A 322 -2.75 -17.82 9.93
N GLN A 323 -1.67 -18.26 10.57
CA GLN A 323 -1.46 -19.70 10.80
C GLN A 323 -2.50 -20.20 11.80
N LEU A 324 -2.69 -19.46 12.89
CA LEU A 324 -3.67 -19.81 13.91
C LEU A 324 -5.07 -19.82 13.28
N PHE A 325 -5.32 -18.85 12.41
CA PHE A 325 -6.59 -18.70 11.69
C PHE A 325 -6.95 -19.98 10.96
N VAL A 326 -6.03 -20.47 10.14
CA VAL A 326 -6.26 -21.69 9.37
C VAL A 326 -6.57 -22.90 10.27
N ASN A 327 -5.74 -23.12 11.28
CA ASN A 327 -5.91 -24.23 12.22
C ASN A 327 -7.25 -24.18 12.93
N THR A 328 -7.56 -23.02 13.50
CA THR A 328 -8.81 -22.83 14.21
C THR A 328 -10.03 -22.99 13.29
N LEU A 329 -9.85 -22.72 12.00
CA LEU A 329 -10.94 -22.88 11.02
C LEU A 329 -11.23 -24.35 10.85
N GLN A 330 -10.16 -25.14 10.72
CA GLN A 330 -10.28 -26.57 10.55
C GLN A 330 -10.78 -27.22 11.86
N GLU A 331 -10.24 -26.75 12.97
CA GLU A 331 -10.60 -27.23 14.31
C GLU A 331 -12.07 -26.96 14.62
N LYS A 332 -12.54 -25.77 14.27
CA LYS A 332 -13.94 -25.37 14.50
C LYS A 332 -14.95 -26.04 13.57
N GLY A 333 -14.48 -26.80 12.59
CA GLY A 333 -15.39 -27.48 11.69
C GLY A 333 -15.68 -26.84 10.34
N ALA A 334 -14.72 -26.11 9.79
CA ALA A 334 -14.89 -25.48 8.47
C ALA A 334 -14.73 -26.60 7.45
N ASN A 335 -15.66 -26.65 6.50
CA ASN A 335 -15.63 -27.68 5.47
C ASN A 335 -14.60 -27.44 4.38
N ARG A 336 -14.51 -26.19 3.94
CA ARG A 336 -13.58 -25.79 2.90
C ARG A 336 -12.17 -25.82 3.48
N ASP A 337 -11.18 -25.96 2.60
CA ASP A 337 -9.79 -25.98 3.04
C ASP A 337 -9.23 -24.58 2.79
N PHE A 338 -8.82 -23.93 3.87
CA PHE A 338 -8.27 -22.57 3.80
C PHE A 338 -6.76 -22.52 3.98
N SER A 339 -6.06 -23.58 3.58
CA SER A 339 -4.60 -23.60 3.72
C SER A 339 -3.90 -22.52 2.90
N PHE A 340 -4.50 -22.14 1.77
CA PHE A 340 -3.95 -21.11 0.88
C PHE A 340 -3.73 -19.77 1.59
N ILE A 341 -4.41 -19.54 2.71
CA ILE A 341 -4.27 -18.32 3.49
C ILE A 341 -2.83 -18.17 3.96
N ILE A 342 -2.24 -19.28 4.37
CA ILE A 342 -0.87 -19.30 4.87
C ILE A 342 0.16 -18.95 3.77
N LYS A 343 -0.28 -19.01 2.51
CA LYS A 343 0.60 -18.73 1.37
C LYS A 343 0.64 -17.26 0.98
N GLN A 344 -0.25 -16.46 1.55
CA GLN A 344 -0.36 -15.05 1.23
C GLN A 344 0.53 -14.14 2.09
N ASN A 345 0.77 -12.92 1.61
CA ASN A 345 1.64 -11.96 2.31
C ASN A 345 0.92 -10.66 2.67
N GLY A 346 1.41 -9.98 3.70
CA GLY A 346 0.82 -8.73 4.11
C GLY A 346 -0.19 -8.85 5.23
N MET A 347 -0.98 -7.82 5.40
CA MET A 347 -1.98 -7.77 6.46
C MET A 347 -3.28 -8.48 6.14
N PHE A 348 -3.56 -8.69 4.86
CA PHE A 348 -4.83 -9.30 4.46
C PHE A 348 -4.79 -10.74 4.03
N SER A 349 -5.94 -11.19 3.56
CA SER A 349 -6.14 -12.52 3.05
C SER A 349 -7.47 -12.49 2.34
N PHE A 350 -7.49 -13.04 1.13
CA PHE A 350 -8.70 -13.10 0.34
C PHE A 350 -9.40 -14.37 0.80
N SER A 351 -10.31 -14.25 1.77
CA SER A 351 -11.02 -15.40 2.33
C SER A 351 -11.75 -16.24 1.29
N GLY A 352 -12.19 -15.59 0.22
CA GLY A 352 -12.90 -16.31 -0.82
C GLY A 352 -14.36 -16.44 -0.44
N LEU A 353 -14.81 -15.57 0.45
CA LEU A 353 -16.19 -15.57 0.88
C LEU A 353 -17.02 -14.77 -0.11
N THR A 354 -18.29 -15.13 -0.23
CA THR A 354 -19.18 -14.43 -1.15
C THR A 354 -19.73 -13.18 -0.49
N LYS A 355 -20.19 -12.24 -1.33
CA LYS A 355 -20.77 -10.98 -0.88
C LYS A 355 -21.87 -11.21 0.20
N GLU A 356 -22.73 -12.20 -0.04
CA GLU A 356 -23.81 -12.53 0.88
C GLU A 356 -23.28 -13.04 2.23
N GLN A 357 -22.29 -13.91 2.18
CA GLN A 357 -21.67 -14.46 3.39
C GLN A 357 -21.10 -13.31 4.22
N VAL A 358 -20.40 -12.40 3.56
CA VAL A 358 -19.82 -11.24 4.23
C VAL A 358 -20.93 -10.40 4.86
N LEU A 359 -22.05 -10.27 4.17
CA LEU A 359 -23.16 -9.49 4.68
C LEU A 359 -23.79 -10.18 5.88
N ARG A 360 -23.93 -11.49 5.83
CA ARG A 360 -24.52 -12.18 6.97
C ARG A 360 -23.56 -12.16 8.16
N LEU A 361 -22.26 -12.23 7.88
CA LEU A 361 -21.25 -12.19 8.93
C LEU A 361 -21.42 -10.93 9.74
N ARG A 362 -21.62 -9.82 9.05
CA ARG A 362 -21.81 -8.54 9.72
C ARG A 362 -23.13 -8.38 10.42
N GLU A 363 -24.21 -8.55 9.66
CA GLU A 363 -25.59 -8.40 10.17
C GLU A 363 -25.91 -9.34 11.32
N GLU A 364 -25.51 -10.60 11.18
CA GLU A 364 -25.79 -11.61 12.18
C GLU A 364 -24.75 -11.77 13.28
N PHE A 365 -23.47 -11.62 12.95
CA PHE A 365 -22.41 -11.83 13.91
C PHE A 365 -21.53 -10.63 14.29
N GLY A 366 -21.83 -9.45 13.76
CA GLY A 366 -21.01 -8.30 14.10
C GLY A 366 -19.56 -8.39 13.63
N VAL A 367 -19.25 -9.36 12.77
CA VAL A 367 -17.89 -9.55 12.22
C VAL A 367 -17.81 -8.70 10.95
N TYR A 368 -16.85 -7.77 10.89
CA TYR A 368 -16.70 -6.86 9.75
C TYR A 368 -15.53 -7.16 8.81
N ALA A 369 -15.84 -7.45 7.55
CA ALA A 369 -14.82 -7.72 6.54
C ALA A 369 -15.25 -6.93 5.32
N VAL A 370 -14.41 -6.86 4.29
CA VAL A 370 -14.77 -6.10 3.10
C VAL A 370 -15.61 -7.01 2.20
N ALA A 371 -16.56 -6.41 1.50
CA ALA A 371 -17.48 -7.15 0.60
C ALA A 371 -16.80 -8.13 -0.34
N SER A 372 -15.54 -7.87 -0.67
CA SER A 372 -14.76 -8.72 -1.55
C SER A 372 -14.30 -10.01 -0.86
N GLY A 373 -14.47 -10.06 0.45
CA GLY A 373 -14.04 -11.23 1.20
C GLY A 373 -12.65 -11.00 1.77
N ARG A 374 -12.17 -9.77 1.69
CA ARG A 374 -10.85 -9.45 2.22
C ARG A 374 -10.99 -9.24 3.72
N VAL A 375 -10.14 -9.89 4.49
CA VAL A 375 -10.18 -9.74 5.95
C VAL A 375 -8.78 -9.38 6.46
N ASN A 376 -8.74 -8.46 7.43
CA ASN A 376 -7.50 -8.02 8.01
C ASN A 376 -6.97 -9.03 9.04
N VAL A 377 -6.01 -9.86 8.63
CA VAL A 377 -5.41 -10.86 9.49
C VAL A 377 -4.73 -10.19 10.68
N ALA A 378 -4.23 -8.97 10.47
CA ALA A 378 -3.55 -8.22 11.51
C ALA A 378 -4.51 -7.69 12.56
N GLY A 379 -5.80 -7.91 12.34
CA GLY A 379 -6.82 -7.48 13.27
C GLY A 379 -7.28 -8.65 14.13
N MET A 380 -6.66 -9.80 13.93
CA MET A 380 -7.02 -10.99 14.69
C MET A 380 -6.12 -11.15 15.91
N THR A 381 -6.72 -11.48 17.05
CA THR A 381 -5.99 -11.68 18.28
C THR A 381 -6.38 -13.05 18.78
N PRO A 382 -5.52 -13.69 19.58
CA PRO A 382 -5.81 -15.03 20.11
C PRO A 382 -7.16 -15.07 20.84
N ASP A 383 -7.61 -13.90 21.28
CA ASP A 383 -8.87 -13.76 21.99
C ASP A 383 -10.12 -13.64 21.13
N ASN A 384 -9.99 -13.12 19.91
CA ASN A 384 -11.16 -13.01 19.04
C ASN A 384 -11.15 -14.08 17.96
N MET A 385 -10.12 -14.91 17.96
CA MET A 385 -9.99 -15.97 16.98
C MET A 385 -11.09 -17.02 17.03
N ALA A 386 -11.54 -17.35 18.23
CA ALA A 386 -12.57 -18.37 18.39
C ALA A 386 -13.94 -17.91 17.91
N PRO A 387 -14.48 -16.82 18.48
CA PRO A 387 -15.79 -16.38 18.01
C PRO A 387 -15.80 -16.06 16.52
N LEU A 388 -14.70 -15.50 16.04
CA LEU A 388 -14.54 -15.15 14.64
C LEU A 388 -14.71 -16.40 13.78
N CYS A 389 -13.94 -17.44 14.07
CA CYS A 389 -14.03 -18.66 13.29
C CYS A 389 -15.35 -19.38 13.38
N GLU A 390 -16.06 -19.19 14.48
CA GLU A 390 -17.36 -19.82 14.64
C GLU A 390 -18.36 -19.10 13.74
N ALA A 391 -18.25 -17.78 13.68
CA ALA A 391 -19.12 -16.99 12.83
C ALA A 391 -18.92 -17.42 11.37
N ILE A 392 -17.67 -17.49 10.96
CA ILE A 392 -17.34 -17.89 9.60
C ILE A 392 -17.88 -19.28 9.24
N VAL A 393 -17.63 -20.27 10.09
CA VAL A 393 -18.10 -21.62 9.82
C VAL A 393 -19.64 -21.70 9.73
N ALA A 394 -20.34 -20.91 10.53
CA ALA A 394 -21.80 -20.91 10.51
C ALA A 394 -22.36 -20.16 9.30
N VAL A 395 -21.51 -19.89 8.32
CA VAL A 395 -21.92 -19.11 7.17
C VAL A 395 -21.42 -19.73 5.84
N LEU A 396 -20.58 -20.75 5.96
CA LEU A 396 -20.00 -21.45 4.81
C LEU A 396 -21.00 -22.40 4.12
N1 PY5 B . -1.91 1.54 -1.72
C2 PY5 B . -2.54 0.44 -1.18
C2A PY5 B . -2.33 -0.75 -2.09
C3 PY5 B . -3.25 0.58 0.07
O3 PY5 B . -3.80 -0.59 0.45
C4 PY5 B . -3.33 1.80 0.78
C4A PY5 B . -4.10 1.91 2.11
C5 PY5 B . -2.63 2.86 0.09
C6 PY5 B . -1.94 2.75 -1.10
C5A PY5 B . -2.55 4.28 0.65
O4P PY5 B . -2.64 4.44 2.00
P PY5 B . -2.08 5.68 2.79
O1P PY5 B . -0.65 5.75 2.72
O2P PY5 B . -2.81 5.66 4.11
O3P PY5 B . -2.53 6.87 1.99
N PY5 B . -5.20 0.84 2.02
CA PY5 B . -5.72 0.48 3.40
C PY5 B . -6.81 -0.59 3.29
O PY5 B . -6.47 -1.54 2.40
CB PY5 B . -6.26 1.72 4.11
CG PY5 B . -7.40 2.42 3.39
CD PY5 B . -7.67 3.82 3.91
OXT PY5 B . -7.93 -0.57 3.96
#